data_9I17
#
_entry.id   9I17
#
_cell.length_a   58.402
_cell.length_b   46.506
_cell.length_c   63.315
_cell.angle_alpha   90.00
_cell.angle_beta   111.50
_cell.angle_gamma   90.00
#
_symmetry.space_group_name_H-M   'P 1 21 1'
#
loop_
_entity.id
_entity.type
_entity.pdbx_description
1 polymer 'Casein kinase II subunit alpha'
2 non-polymer 'SULFATE ION'
3 non-polymer (2~{Z},5~{Z})-2-(3-chlorophenyl)imino-5-[(4-methoxy-3-oxidanyl-phenyl)methylidene]-1,3-thiazolidin-4-one
4 non-polymer 1,2-ETHANEDIOL
5 water water
#
_entity_poly.entity_id   1
_entity_poly.type   'polypeptide(L)'
_entity_poly.pdbx_seq_one_letter_code
;GPVPSRARVYTDVNTHRPREYWDYESHVVEWGNQDDYQLVRKLGRGKYSEVFEAINITNNEKVVVKILKPVKKKKIKREI
KILENLRGGPNIITLADIVKDPVSRTPALVFEHVNNTDFKQLYQTLTDYDIRFYMYEILKALDYCHSMGIMHRDVKPHNV
MIDHEHRKLRLIDWGLAEFYHPGQEYNVRVASRYFKGPELLVDYQMYDYSLDMWSLGCMLASMIFRKEPFFHGHDNYDQL
VRIAKVLGTEDLYDYIDKYNIELDPRFNDILGRHSRKRWERFVHSENQHLVSPEALDFLDKLLRYDHQSRLTAREAMEHP
YFYTVVKD
;
_entity_poly.pdbx_strand_id   A
#
loop_
_chem_comp.id
_chem_comp.type
_chem_comp.name
_chem_comp.formula
A1IYZ non-polymer (2~{Z},5~{Z})-2-(3-chlorophenyl)imino-5-[(4-methoxy-3-oxidanyl-phenyl)methylidene]-1,3-thiazolidin-4-one 'C17 H13 Cl N2 O3 S'
EDO non-polymer 1,2-ETHANEDIOL 'C2 H6 O2'
SO4 non-polymer 'SULFATE ION' 'O4 S -2'
#
# COMPACT_ATOMS: atom_id res chain seq x y z
N GLY A 1 -3.30 11.69 27.55
CA GLY A 1 -3.68 10.92 26.38
C GLY A 1 -3.07 11.45 25.10
N PRO A 2 -3.16 10.69 24.02
CA PRO A 2 -2.51 11.09 22.77
C PRO A 2 -3.22 12.29 22.13
N VAL A 3 -2.43 13.11 21.47
CA VAL A 3 -2.96 14.27 20.73
C VAL A 3 -3.66 13.77 19.48
N PRO A 4 -4.84 14.28 19.13
CA PRO A 4 -5.54 13.81 17.93
C PRO A 4 -4.87 14.31 16.66
N SER A 5 -5.26 13.70 15.54
CA SER A 5 -4.70 13.99 14.23
C SER A 5 -5.79 13.88 13.19
N ARG A 6 -5.67 14.68 12.13
CA ARG A 6 -6.54 14.61 10.95
C ARG A 6 -5.67 14.55 9.71
N ALA A 7 -6.19 13.89 8.66
CA ALA A 7 -5.57 13.98 7.34
C ALA A 7 -5.58 15.44 6.88
N ARG A 8 -4.49 15.86 6.23
CA ARG A 8 -4.44 17.23 5.71
C ARG A 8 -5.13 17.39 4.38
N VAL A 9 -5.55 16.30 3.73
CA VAL A 9 -6.28 16.33 2.47
C VAL A 9 -7.39 15.30 2.55
N TYR A 10 -8.40 15.49 1.70
CA TYR A 10 -9.53 14.55 1.57
C TYR A 10 -10.11 14.21 2.93
N THR A 11 -10.04 15.18 3.85
CA THR A 11 -10.40 14.92 5.22
C THR A 11 -11.86 14.53 5.35
N ASP A 12 -12.74 15.21 4.61
CA ASP A 12 -14.17 15.10 4.82
C ASP A 12 -14.90 14.42 3.66
N VAL A 13 -14.19 13.65 2.84
CA VAL A 13 -14.86 13.11 1.65
C VAL A 13 -15.96 12.15 2.05
N ASN A 14 -15.73 11.30 3.07
CA ASN A 14 -16.77 10.34 3.44
C ASN A 14 -17.90 11.01 4.23
N THR A 15 -17.60 12.10 4.93
CA THR A 15 -18.63 12.82 5.66
C THR A 15 -19.74 13.27 4.72
N HIS A 16 -19.37 13.70 3.52
CA HIS A 16 -20.34 14.27 2.59
C HIS A 16 -20.76 13.32 1.47
N ARG A 17 -20.19 12.12 1.43
CA ARG A 17 -20.75 11.04 0.64
C ARG A 17 -22.08 10.59 1.25
N PRO A 18 -22.96 9.99 0.45
CA PRO A 18 -24.13 9.34 1.05
C PRO A 18 -23.67 8.18 1.94
N ARG A 19 -24.47 7.90 2.96
CA ARG A 19 -24.05 6.91 3.97
C ARG A 19 -23.77 5.56 3.33
N GLU A 20 -24.58 5.15 2.34
CA GLU A 20 -24.37 3.85 1.71
C GLU A 20 -22.99 3.72 1.08
N TYR A 21 -22.30 4.84 0.80
CA TYR A 21 -20.97 4.75 0.19
C TYR A 21 -19.98 4.07 1.12
N TRP A 22 -19.96 4.48 2.40
CA TRP A 22 -18.98 4.00 3.36
C TRP A 22 -19.54 3.01 4.38
N ASP A 23 -20.86 2.84 4.45
CA ASP A 23 -21.48 1.97 5.45
C ASP A 23 -21.52 0.54 4.90
N TYR A 24 -20.34 -0.08 4.87
CA TYR A 24 -20.20 -1.38 4.22
C TYR A 24 -20.92 -2.50 4.97
N GLU A 25 -21.14 -2.36 6.27
CA GLU A 25 -21.85 -3.40 7.00
C GLU A 25 -23.28 -3.60 6.48
N SER A 26 -23.85 -2.60 5.82
CA SER A 26 -25.20 -2.69 5.28
C SER A 26 -25.22 -3.05 3.81
N HIS A 27 -24.05 -3.24 3.21
CA HIS A 27 -23.99 -3.57 1.79
C HIS A 27 -24.64 -4.92 1.49
N VAL A 28 -25.40 -4.97 0.41
CA VAL A 28 -26.01 -6.20 -0.05
C VAL A 28 -25.24 -6.69 -1.26
N VAL A 29 -24.59 -7.85 -1.12
CA VAL A 29 -23.75 -8.37 -2.19
C VAL A 29 -24.62 -8.82 -3.35
N GLU A 30 -24.24 -8.42 -4.56
CA GLU A 30 -24.85 -8.93 -5.78
C GLU A 30 -24.02 -10.12 -6.25
N TRP A 31 -24.60 -11.32 -6.20
CA TRP A 31 -23.87 -12.54 -6.53
C TRP A 31 -24.03 -12.89 -7.99
N GLY A 32 -22.93 -13.29 -8.63
CA GLY A 32 -22.95 -13.77 -9.99
C GLY A 32 -23.14 -15.27 -10.05
N ASN A 33 -22.86 -15.83 -11.23
CA ASN A 33 -23.02 -17.26 -11.48
C ASN A 33 -21.70 -17.96 -11.26
N GLN A 34 -21.62 -18.81 -10.22
CA GLN A 34 -20.39 -19.52 -9.93
C GLN A 34 -19.97 -20.44 -11.07
N ASP A 35 -20.93 -20.95 -11.86
CA ASP A 35 -20.54 -21.84 -12.95
C ASP A 35 -19.91 -21.10 -14.13
N ASP A 36 -19.87 -19.76 -14.11
CA ASP A 36 -19.20 -19.03 -15.19
C ASP A 36 -17.70 -19.18 -15.16
N TYR A 37 -17.11 -19.68 -14.08
CA TYR A 37 -15.68 -19.59 -13.86
C TYR A 37 -15.12 -20.98 -13.60
N GLN A 38 -14.14 -21.37 -14.40
CA GLN A 38 -13.47 -22.66 -14.27
C GLN A 38 -12.06 -22.41 -13.77
N LEU A 39 -11.73 -22.97 -12.60
CA LEU A 39 -10.39 -22.80 -12.05
C LEU A 39 -9.38 -23.57 -12.89
N VAL A 40 -8.23 -22.96 -13.13
CA VAL A 40 -7.20 -23.50 -14.01
C VAL A 40 -5.97 -23.95 -13.22
N ARG A 41 -5.45 -23.06 -12.38
CA ARG A 41 -4.30 -23.42 -11.56
C ARG A 41 -4.25 -22.51 -10.35
N LYS A 42 -3.75 -23.07 -9.26
CA LYS A 42 -3.59 -22.31 -8.02
C LYS A 42 -2.34 -21.46 -8.10
N LEU A 43 -2.49 -20.17 -7.78
CA LEU A 43 -1.38 -19.23 -7.84
C LEU A 43 -0.74 -18.99 -6.48
N GLY A 44 -1.51 -19.07 -5.40
CA GLY A 44 -0.93 -18.89 -4.09
C GLY A 44 -1.95 -19.12 -3.01
N ARG A 45 -1.46 -19.14 -1.77
CA ARG A 45 -2.28 -19.25 -0.58
C ARG A 45 -1.74 -18.32 0.48
N GLY A 46 -2.64 -17.59 1.13
CA GLY A 46 -2.32 -16.74 2.25
C GLY A 46 -3.17 -17.09 3.45
N LYS A 47 -3.07 -16.31 4.53
CA LYS A 47 -3.86 -16.65 5.72
C LYS A 47 -5.33 -16.31 5.54
N TYR A 48 -5.68 -15.47 4.57
CA TYR A 48 -7.07 -15.05 4.38
C TYR A 48 -7.74 -15.60 3.14
N SER A 49 -6.98 -16.16 2.19
CA SER A 49 -7.60 -16.62 0.94
C SER A 49 -6.65 -17.55 0.20
N GLU A 50 -7.18 -18.17 -0.84
CA GLU A 50 -6.40 -18.87 -1.87
C GLU A 50 -6.70 -18.22 -3.21
N VAL A 51 -5.71 -18.18 -4.09
CA VAL A 51 -5.79 -17.42 -5.34
C VAL A 51 -5.53 -18.35 -6.51
N PHE A 52 -6.38 -18.24 -7.53
CA PHE A 52 -6.34 -19.11 -8.69
C PHE A 52 -6.38 -18.29 -9.96
N GLU A 53 -5.71 -18.80 -10.98
CA GLU A 53 -6.03 -18.41 -12.35
C GLU A 53 -7.23 -19.22 -12.83
N ALA A 54 -8.13 -18.57 -13.55
CA ALA A 54 -9.35 -19.23 -13.99
C ALA A 54 -9.71 -18.70 -15.36
N ILE A 55 -10.72 -19.32 -15.97
CA ILE A 55 -11.25 -18.89 -17.25
C ILE A 55 -12.71 -18.55 -17.05
N ASN A 56 -13.12 -17.39 -17.54
CA ASN A 56 -14.53 -17.03 -17.63
C ASN A 56 -15.06 -17.65 -18.91
N ILE A 57 -15.88 -18.71 -18.79
CA ILE A 57 -16.33 -19.44 -19.97
C ILE A 57 -17.42 -18.73 -20.75
N THR A 58 -17.90 -17.58 -20.27
CA THR A 58 -18.82 -16.80 -21.09
C THR A 58 -18.08 -15.93 -22.10
N ASN A 59 -16.78 -15.70 -21.92
CA ASN A 59 -15.98 -14.97 -22.91
C ASN A 59 -14.61 -15.59 -23.16
N ASN A 60 -14.33 -16.76 -22.57
CA ASN A 60 -13.05 -17.48 -22.74
C ASN A 60 -11.85 -16.61 -22.39
N GLU A 61 -12.02 -15.67 -21.47
CA GLU A 61 -10.94 -14.81 -21.02
C GLU A 61 -10.42 -15.24 -19.66
N LYS A 62 -9.13 -15.02 -19.44
CA LYS A 62 -8.55 -15.32 -18.14
C LYS A 62 -9.03 -14.34 -17.08
N VAL A 63 -9.26 -14.87 -15.89
CA VAL A 63 -9.57 -14.06 -14.72
C VAL A 63 -8.77 -14.64 -13.55
N VAL A 64 -8.78 -13.90 -12.45
CA VAL A 64 -8.15 -14.35 -11.21
C VAL A 64 -9.23 -14.45 -10.15
N VAL A 65 -9.27 -15.60 -9.47
CA VAL A 65 -10.29 -15.88 -8.48
C VAL A 65 -9.64 -16.00 -7.12
N LYS A 66 -10.10 -15.18 -6.17
CA LYS A 66 -9.64 -15.22 -4.78
C LYS A 66 -10.77 -15.83 -3.94
N ILE A 67 -10.55 -17.05 -3.47
CA ILE A 67 -11.54 -17.75 -2.66
C ILE A 67 -11.18 -17.49 -1.20
N LEU A 68 -12.06 -16.79 -0.49
CA LEU A 68 -11.71 -16.33 0.85
C LEU A 68 -11.73 -17.49 1.84
N LYS A 69 -10.79 -17.46 2.77
CA LYS A 69 -10.89 -18.30 3.94
C LYS A 69 -11.92 -17.69 4.88
N PRO A 70 -12.41 -18.45 5.86
CA PRO A 70 -13.39 -17.89 6.79
C PRO A 70 -12.85 -16.70 7.56
N VAL A 71 -13.48 -15.55 7.35
CA VAL A 71 -13.21 -14.32 8.09
C VAL A 71 -14.55 -13.62 8.36
N LYS A 72 -14.48 -12.53 9.12
CA LYS A 72 -15.70 -11.84 9.54
C LYS A 72 -16.45 -11.28 8.33
N LYS A 73 -17.78 -11.38 8.38
CA LYS A 73 -18.59 -10.90 7.26
C LYS A 73 -18.40 -9.41 7.02
N LYS A 74 -18.18 -8.64 8.08
CA LYS A 74 -17.99 -7.21 7.88
C LYS A 74 -16.70 -6.93 7.11
N LYS A 75 -15.66 -7.75 7.31
CA LYS A 75 -14.41 -7.53 6.58
C LYS A 75 -14.56 -7.91 5.10
N ILE A 76 -15.31 -8.97 4.83
CA ILE A 76 -15.60 -9.33 3.45
C ILE A 76 -16.42 -8.23 2.77
N LYS A 77 -17.45 -7.74 3.46
CA LYS A 77 -18.26 -6.64 2.91
C LYS A 77 -17.42 -5.38 2.71
N ARG A 78 -16.48 -5.12 3.63
CA ARG A 78 -15.62 -3.95 3.51
C ARG A 78 -14.80 -4.00 2.23
N GLU A 79 -14.14 -5.14 1.98
CA GLU A 79 -13.33 -5.28 0.77
C GLU A 79 -14.20 -5.18 -0.48
N ILE A 80 -15.36 -5.83 -0.47
CA ILE A 80 -16.24 -5.77 -1.63
C ILE A 80 -16.70 -4.34 -1.88
N LYS A 81 -17.14 -3.64 -0.84
CA LYS A 81 -17.62 -2.28 -1.03
C LYS A 81 -16.52 -1.36 -1.54
N ILE A 82 -15.29 -1.52 -1.02
CA ILE A 82 -14.18 -0.71 -1.47
C ILE A 82 -13.86 -0.99 -2.93
N LEU A 83 -13.80 -2.27 -3.32
CA LEU A 83 -13.54 -2.61 -4.71
C LEU A 83 -14.62 -2.05 -5.65
N GLU A 84 -15.89 -2.12 -5.24
CA GLU A 84 -16.94 -1.55 -6.09
C GLU A 84 -16.88 -0.03 -6.13
N ASN A 85 -16.56 0.62 -5.00
CA ASN A 85 -16.44 2.07 -4.99
C ASN A 85 -15.33 2.55 -5.91
N LEU A 86 -14.20 1.83 -5.94
CA LEU A 86 -13.03 2.23 -6.67
C LEU A 86 -13.00 1.73 -8.11
N ARG A 87 -13.94 0.85 -8.49
CA ARG A 87 -13.91 0.23 -9.81
C ARG A 87 -13.94 1.30 -10.89
N GLY A 88 -13.08 1.15 -11.89
CA GLY A 88 -12.96 2.10 -12.97
C GLY A 88 -11.86 3.12 -12.75
N GLY A 89 -11.39 3.26 -11.52
CA GLY A 89 -10.37 4.25 -11.19
C GLY A 89 -9.01 3.90 -11.77
N PRO A 90 -8.13 4.90 -11.86
CA PRO A 90 -6.82 4.70 -12.48
C PRO A 90 -6.00 3.64 -11.78
N ASN A 91 -5.65 2.58 -12.52
CA ASN A 91 -4.74 1.52 -12.07
C ASN A 91 -5.26 0.77 -10.84
N ILE A 92 -6.56 0.83 -10.60
CA ILE A 92 -7.22 0.02 -9.56
C ILE A 92 -7.61 -1.31 -10.18
N ILE A 93 -7.26 -2.44 -9.53
CA ILE A 93 -7.71 -3.74 -10.03
C ILE A 93 -9.23 -3.77 -10.13
N THR A 94 -9.74 -4.35 -11.21
CA THR A 94 -11.18 -4.42 -11.46
C THR A 94 -11.76 -5.69 -10.85
N LEU A 95 -12.69 -5.54 -9.92
CA LEU A 95 -13.53 -6.64 -9.47
C LEU A 95 -14.57 -6.91 -10.55
N ALA A 96 -14.48 -8.09 -11.18
CA ALA A 96 -15.40 -8.43 -12.26
C ALA A 96 -16.67 -9.13 -11.77
N ASP A 97 -16.60 -9.84 -10.65
CA ASP A 97 -17.73 -10.63 -10.18
C ASP A 97 -17.48 -11.08 -8.75
N ILE A 98 -18.55 -11.53 -8.10
CA ILE A 98 -18.48 -12.12 -6.77
C ILE A 98 -19.39 -13.34 -6.81
N VAL A 99 -18.87 -14.51 -6.43
CA VAL A 99 -19.67 -15.72 -6.48
C VAL A 99 -19.51 -16.49 -5.17
N LYS A 100 -20.46 -17.38 -4.90
CA LYS A 100 -20.41 -18.26 -3.73
C LYS A 100 -19.71 -19.55 -4.11
N ASP A 101 -18.56 -19.81 -3.50
CA ASP A 101 -17.90 -21.06 -3.81
C ASP A 101 -18.56 -22.20 -3.05
N PRO A 102 -18.97 -23.27 -3.74
CA PRO A 102 -19.72 -24.35 -3.07
C PRO A 102 -18.86 -25.25 -2.21
N VAL A 103 -17.55 -25.28 -2.42
CA VAL A 103 -16.65 -26.13 -1.64
C VAL A 103 -16.20 -25.43 -0.37
N SER A 104 -15.70 -24.20 -0.53
CA SER A 104 -15.22 -23.46 0.63
C SER A 104 -16.34 -22.93 1.49
N ARG A 105 -17.54 -22.78 0.92
CA ARG A 105 -18.68 -22.17 1.61
C ARG A 105 -18.38 -20.72 1.96
N THR A 106 -17.56 -20.06 1.13
CA THR A 106 -17.19 -18.65 1.33
C THR A 106 -17.31 -17.89 0.02
N PRO A 107 -17.25 -16.56 0.04
CA PRO A 107 -17.26 -15.81 -1.23
C PRO A 107 -15.97 -16.00 -1.99
N ALA A 108 -16.09 -15.92 -3.32
CA ALA A 108 -14.95 -15.93 -4.23
C ALA A 108 -15.01 -14.66 -5.06
N LEU A 109 -13.98 -13.83 -4.95
CA LEU A 109 -13.92 -12.60 -5.71
C LEU A 109 -13.22 -12.86 -7.04
N VAL A 110 -13.81 -12.36 -8.13
CA VAL A 110 -13.28 -12.58 -9.47
C VAL A 110 -12.74 -11.25 -9.99
N PHE A 111 -11.46 -11.24 -10.37
CA PHE A 111 -10.75 -10.04 -10.79
C PHE A 111 -10.30 -10.17 -12.23
N GLU A 112 -10.16 -9.02 -12.90
CA GLU A 112 -9.42 -9.00 -14.15
C GLU A 112 -8.04 -9.62 -13.95
N HIS A 113 -7.53 -10.23 -15.01
CA HIS A 113 -6.23 -10.87 -14.98
C HIS A 113 -5.14 -9.91 -15.46
N VAL A 114 -4.02 -9.88 -14.74
CA VAL A 114 -2.83 -9.15 -15.16
C VAL A 114 -1.72 -10.15 -15.42
N ASN A 115 -1.12 -10.09 -16.61
CA ASN A 115 0.01 -10.94 -16.94
C ASN A 115 1.27 -10.31 -16.35
N ASN A 116 1.52 -10.60 -15.07
CA ASN A 116 2.53 -9.92 -14.26
CA ASN A 116 2.55 -9.90 -14.32
C ASN A 116 3.83 -10.72 -14.23
N THR A 117 4.95 -10.01 -14.04
CA THR A 117 6.23 -10.64 -13.72
C THR A 117 6.54 -10.40 -12.25
N ASP A 118 6.99 -11.45 -11.56
CA ASP A 118 7.21 -11.36 -10.13
C ASP A 118 8.22 -10.27 -9.81
N PHE A 119 7.98 -9.55 -8.71
CA PHE A 119 8.75 -8.33 -8.46
C PHE A 119 10.22 -8.64 -8.19
N LYS A 120 10.51 -9.81 -7.60
CA LYS A 120 11.90 -10.18 -7.36
C LYS A 120 12.70 -10.14 -8.66
N GLN A 121 12.14 -10.69 -9.74
CA GLN A 121 12.82 -10.69 -11.03
C GLN A 121 12.65 -9.37 -11.76
N LEU A 122 11.44 -8.79 -11.71
CA LEU A 122 11.19 -7.52 -12.38
C LEU A 122 12.08 -6.42 -11.82
N TYR A 123 12.26 -6.39 -10.50
CA TYR A 123 13.03 -5.29 -9.94
C TYR A 123 14.51 -5.37 -10.31
N GLN A 124 15.00 -6.53 -10.73
CA GLN A 124 16.38 -6.65 -11.21
C GLN A 124 16.57 -6.00 -12.58
N THR A 125 15.49 -5.73 -13.32
CA THR A 125 15.60 -5.26 -14.69
C THR A 125 15.08 -3.85 -14.92
N LEU A 126 14.36 -3.26 -13.98
CA LEU A 126 13.79 -1.94 -14.18
C LEU A 126 14.90 -0.89 -14.30
N THR A 127 14.77 -0.01 -15.30
CA THR A 127 15.68 1.10 -15.46
C THR A 127 15.24 2.27 -14.57
N ASP A 128 16.09 3.30 -14.54
CA ASP A 128 15.71 4.54 -13.87
C ASP A 128 14.38 5.06 -14.40
N TYR A 129 14.25 5.08 -15.73
CA TYR A 129 13.02 5.57 -16.34
C TYR A 129 11.83 4.69 -15.96
N ASP A 130 12.02 3.37 -15.98
CA ASP A 130 10.93 2.47 -15.58
C ASP A 130 10.44 2.77 -14.16
N ILE A 131 11.37 3.01 -13.22
CA ILE A 131 10.99 3.22 -11.83
C ILE A 131 10.18 4.50 -11.68
N ARG A 132 10.60 5.56 -12.36
CA ARG A 132 9.84 6.80 -12.30
C ARG A 132 8.46 6.61 -12.90
N PHE A 133 8.39 5.90 -14.03
CA PHE A 133 7.12 5.65 -14.71
C PHE A 133 6.16 4.89 -13.82
N TYR A 134 6.63 3.79 -13.23
CA TYR A 134 5.71 2.97 -12.45
C TYR A 134 5.38 3.62 -11.12
N MET A 135 6.32 4.36 -10.52
CA MET A 135 5.97 5.13 -9.33
C MET A 135 4.85 6.12 -9.62
N TYR A 136 4.90 6.79 -10.78
CA TYR A 136 3.86 7.72 -11.15
C TYR A 136 2.53 7.00 -11.30
N GLU A 137 2.56 5.80 -11.88
CA GLU A 137 1.34 5.01 -12.03
C GLU A 137 0.77 4.58 -10.68
N ILE A 138 1.63 4.20 -9.73
CA ILE A 138 1.13 3.87 -8.38
C ILE A 138 0.49 5.10 -7.76
N LEU A 139 1.12 6.27 -7.91
CA LEU A 139 0.59 7.49 -7.33
C LEU A 139 -0.79 7.82 -7.89
N LYS A 140 -1.03 7.54 -9.18
CA LYS A 140 -2.37 7.73 -9.73
C LYS A 140 -3.39 6.90 -8.99
N ALA A 141 -3.05 5.65 -8.68
CA ALA A 141 -3.97 4.77 -7.96
C ALA A 141 -4.17 5.26 -6.53
N LEU A 142 -3.08 5.70 -5.89
CA LEU A 142 -3.18 6.15 -4.52
C LEU A 142 -3.90 7.49 -4.40
N ASP A 143 -3.61 8.44 -5.30
CA ASP A 143 -4.40 9.67 -5.20
C ASP A 143 -5.87 9.40 -5.45
N TYR A 144 -6.19 8.49 -6.40
CA TYR A 144 -7.58 8.16 -6.63
C TYR A 144 -8.23 7.60 -5.37
N CYS A 145 -7.64 6.56 -4.78
CA CYS A 145 -8.35 5.94 -3.66
C CYS A 145 -8.41 6.89 -2.46
N HIS A 146 -7.35 7.67 -2.23
CA HIS A 146 -7.41 8.65 -1.16
C HIS A 146 -8.51 9.69 -1.42
N SER A 147 -8.60 10.18 -2.67
CA SER A 147 -9.63 11.15 -3.05
C SER A 147 -11.03 10.56 -2.91
N MET A 148 -11.13 9.22 -2.92
CA MET A 148 -12.38 8.49 -2.73
C MET A 148 -12.58 8.07 -1.29
N GLY A 149 -11.76 8.59 -0.37
CA GLY A 149 -11.96 8.32 1.03
C GLY A 149 -11.41 7.01 1.55
N ILE A 150 -10.47 6.39 0.86
CA ILE A 150 -10.04 5.04 1.19
C ILE A 150 -8.52 5.01 1.33
N MET A 151 -8.03 4.37 2.39
CA MET A 151 -6.60 4.08 2.53
C MET A 151 -6.36 2.61 2.27
N HIS A 152 -5.28 2.30 1.55
CA HIS A 152 -5.03 0.93 1.13
C HIS A 152 -4.49 0.08 2.29
N ARG A 153 -3.50 0.61 3.02
CA ARG A 153 -2.93 0.03 4.24
C ARG A 153 -2.15 -1.26 4.01
N ASP A 154 -1.85 -1.63 2.77
CA ASP A 154 -0.95 -2.75 2.54
C ASP A 154 -0.18 -2.53 1.25
N VAL A 155 0.36 -1.32 1.08
CA VAL A 155 1.19 -1.05 -0.10
C VAL A 155 2.53 -1.76 0.07
N LYS A 156 2.89 -2.57 -0.92
CA LYS A 156 4.13 -3.33 -0.93
C LYS A 156 4.31 -3.88 -2.34
N PRO A 157 5.52 -4.32 -2.71
CA PRO A 157 5.73 -4.78 -4.08
C PRO A 157 4.80 -5.89 -4.52
N HIS A 158 4.49 -6.84 -3.62
CA HIS A 158 3.62 -7.95 -3.94
C HIS A 158 2.22 -7.52 -4.32
N ASN A 159 1.80 -6.32 -3.96
CA ASN A 159 0.45 -5.86 -4.25
C ASN A 159 0.42 -4.86 -5.41
N VAL A 160 1.50 -4.76 -6.17
CA VAL A 160 1.56 -3.94 -7.36
C VAL A 160 1.82 -4.91 -8.51
N MET A 161 0.78 -5.23 -9.28
CA MET A 161 0.93 -6.13 -10.41
C MET A 161 1.33 -5.33 -11.63
N ILE A 162 2.42 -5.74 -12.28
CA ILE A 162 2.94 -5.03 -13.45
C ILE A 162 3.03 -5.99 -14.62
N ASP A 163 2.33 -5.66 -15.70
CA ASP A 163 2.52 -6.31 -16.99
C ASP A 163 3.53 -5.44 -17.76
N HIS A 164 4.81 -5.82 -17.67
CA HIS A 164 5.87 -4.96 -18.20
C HIS A 164 5.80 -4.85 -19.71
N GLU A 165 5.26 -5.86 -20.39
CA GLU A 165 5.18 -5.81 -21.84
C GLU A 165 4.29 -4.67 -22.30
N HIS A 166 3.16 -4.45 -21.62
CA HIS A 166 2.22 -3.41 -21.99
C HIS A 166 2.30 -2.18 -21.09
N ARG A 167 3.30 -2.12 -20.22
CA ARG A 167 3.50 -0.97 -19.33
C ARG A 167 2.24 -0.70 -18.52
N LYS A 168 1.61 -1.78 -18.06
CA LYS A 168 0.34 -1.75 -17.34
C LYS A 168 0.55 -2.12 -15.88
N LEU A 169 -0.07 -1.36 -14.98
CA LEU A 169 0.09 -1.54 -13.55
C LEU A 169 -1.28 -1.58 -12.89
N ARG A 170 -1.46 -2.49 -11.91
CA ARG A 170 -2.66 -2.53 -11.10
C ARG A 170 -2.29 -2.68 -9.64
N LEU A 171 -2.91 -1.87 -8.79
CA LEU A 171 -2.82 -1.99 -7.34
C LEU A 171 -3.87 -2.99 -6.88
N ILE A 172 -3.43 -4.07 -6.22
CA ILE A 172 -4.31 -5.19 -5.87
C ILE A 172 -4.41 -5.36 -4.36
N ASP A 173 -5.20 -6.34 -3.92
CA ASP A 173 -5.33 -6.79 -2.52
C ASP A 173 -5.80 -5.71 -1.55
N TRP A 174 -7.05 -5.31 -1.77
CA TRP A 174 -7.73 -4.31 -0.96
C TRP A 174 -8.35 -4.86 0.31
N GLY A 175 -7.93 -6.05 0.76
CA GLY A 175 -8.51 -6.69 1.93
C GLY A 175 -8.18 -6.04 3.25
N LEU A 176 -7.13 -5.21 3.30
CA LEU A 176 -6.83 -4.43 4.50
C LEU A 176 -7.28 -2.99 4.38
N ALA A 177 -7.83 -2.58 3.23
CA ALA A 177 -8.17 -1.18 3.03
C ALA A 177 -9.32 -0.74 3.94
N GLU A 178 -9.36 0.56 4.25
CA GLU A 178 -10.41 1.09 5.12
C GLU A 178 -10.87 2.45 4.64
N PHE A 179 -12.07 2.83 5.06
CA PHE A 179 -12.58 4.17 4.85
C PHE A 179 -12.00 5.11 5.90
N TYR A 180 -11.53 6.27 5.44
CA TYR A 180 -11.01 7.28 6.35
C TYR A 180 -12.15 8.15 6.90
N HIS A 181 -12.25 8.23 8.22
CA HIS A 181 -13.19 9.11 8.88
C HIS A 181 -12.43 9.94 9.91
N PRO A 182 -12.57 11.27 9.89
CA PRO A 182 -11.82 12.11 10.84
C PRO A 182 -12.05 11.69 12.28
N GLY A 183 -10.96 11.54 13.02
CA GLY A 183 -11.02 11.17 14.41
C GLY A 183 -11.16 9.71 14.71
N GLN A 184 -11.27 8.85 13.69
CA GLN A 184 -11.44 7.43 13.91
C GLN A 184 -10.11 6.80 14.30
N GLU A 185 -10.13 5.94 15.30
CA GLU A 185 -8.97 5.15 15.67
C GLU A 185 -9.01 3.81 14.95
N TYR A 186 -7.88 3.44 14.34
CA TYR A 186 -7.80 2.27 13.48
C TYR A 186 -6.87 1.22 14.10
N ASN A 187 -7.04 -0.03 13.66
CA ASN A 187 -6.15 -1.10 14.06
C ASN A 187 -4.75 -0.82 13.52
N VAL A 188 -3.73 -0.99 14.37
CA VAL A 188 -2.37 -0.78 13.89
C VAL A 188 -1.75 -2.05 13.31
N ARG A 189 -2.44 -3.19 13.39
CA ARG A 189 -1.93 -4.44 12.85
C ARG A 189 -2.33 -4.56 11.38
N VAL A 190 -1.77 -3.65 10.59
CA VAL A 190 -1.94 -3.62 9.15
C VAL A 190 -0.57 -3.46 8.51
N ALA A 191 -0.53 -3.61 7.19
CA ALA A 191 0.68 -3.57 6.37
C ALA A 191 1.67 -4.68 6.70
N SER A 192 2.55 -4.99 5.77
CA SER A 192 3.61 -5.94 6.05
C SER A 192 4.75 -5.26 6.80
N ARG A 193 5.48 -6.06 7.59
CA ARG A 193 6.46 -5.50 8.53
C ARG A 193 7.36 -4.43 7.90
N TYR A 194 7.96 -4.75 6.76
CA TYR A 194 8.97 -3.84 6.18
C TYR A 194 8.37 -2.54 5.69
N PHE A 195 7.05 -2.47 5.56
CA PHE A 195 6.37 -1.31 5.00
C PHE A 195 5.49 -0.62 6.03
N LYS A 196 5.52 -1.06 7.28
CA LYS A 196 4.72 -0.43 8.33
C LYS A 196 5.26 0.96 8.64
N GLY A 197 4.36 1.94 8.71
CA GLY A 197 4.76 3.29 9.06
C GLY A 197 5.11 3.41 10.53
N PRO A 198 5.91 4.41 10.88
CA PRO A 198 6.19 4.66 12.31
C PRO A 198 4.93 4.78 13.15
N GLU A 199 3.84 5.33 12.62
CA GLU A 199 2.62 5.44 13.41
C GLU A 199 2.14 4.07 13.87
N LEU A 200 2.25 3.05 13.02
CA LEU A 200 1.87 1.71 13.46
C LEU A 200 2.83 1.16 14.50
N LEU A 201 4.13 1.43 14.31
CA LEU A 201 5.15 0.86 15.16
C LEU A 201 5.19 1.50 16.54
N VAL A 202 4.62 2.70 16.70
CA VAL A 202 4.51 3.31 18.02
C VAL A 202 3.09 3.24 18.55
N ASP A 203 2.18 2.54 17.86
CA ASP A 203 0.81 2.29 18.31
C ASP A 203 -0.03 3.57 18.33
N TYR A 204 0.15 4.42 17.33
CA TYR A 204 -0.69 5.60 17.17
C TYR A 204 -1.84 5.26 16.23
N GLN A 205 -3.07 5.25 16.75
CA GLN A 205 -4.19 4.69 16.02
C GLN A 205 -4.92 5.68 15.12
N MET A 206 -4.76 6.98 15.33
CA MET A 206 -5.54 7.96 14.58
C MET A 206 -4.79 8.40 13.31
N TYR A 207 -4.46 7.40 12.49
CA TYR A 207 -3.66 7.65 11.29
C TYR A 207 -4.57 7.81 10.07
N ASP A 208 -3.97 7.97 8.89
CA ASP A 208 -4.77 8.33 7.73
C ASP A 208 -4.07 7.86 6.45
N TYR A 209 -4.49 8.42 5.32
CA TYR A 209 -3.94 8.09 4.00
C TYR A 209 -2.42 8.14 3.97
N SER A 210 -1.83 9.01 4.79
CA SER A 210 -0.38 9.19 4.75
C SER A 210 0.40 7.93 5.11
N LEU A 211 -0.23 6.94 5.77
CA LEU A 211 0.41 5.65 5.96
C LEU A 211 0.88 5.07 4.64
N ASP A 212 0.04 5.17 3.59
CA ASP A 212 0.38 4.56 2.30
C ASP A 212 1.61 5.24 1.69
N MET A 213 1.83 6.50 2.03
CA MET A 213 2.96 7.23 1.49
C MET A 213 4.27 6.79 2.12
N TRP A 214 4.26 6.43 3.41
CA TRP A 214 5.43 5.79 4.00
C TRP A 214 5.73 4.47 3.30
N SER A 215 4.71 3.63 3.15
CA SER A 215 4.93 2.35 2.50
C SER A 215 5.51 2.54 1.10
N LEU A 216 4.97 3.51 0.33
CA LEU A 216 5.51 3.79 -0.99
C LEU A 216 6.95 4.25 -0.93
N GLY A 217 7.30 5.08 0.05
CA GLY A 217 8.69 5.46 0.23
C GLY A 217 9.61 4.27 0.47
N CYS A 218 9.14 3.31 1.28
CA CYS A 218 9.92 2.09 1.49
C CYS A 218 10.14 1.33 0.18
N MET A 219 9.10 1.24 -0.66
CA MET A 219 9.27 0.62 -1.97
C MET A 219 10.29 1.38 -2.81
N LEU A 220 10.16 2.70 -2.87
CA LEU A 220 11.07 3.52 -3.67
C LEU A 220 12.51 3.32 -3.21
N ALA A 221 12.75 3.35 -1.89
CA ALA A 221 14.11 3.17 -1.39
C ALA A 221 14.69 1.84 -1.83
N SER A 222 13.89 0.77 -1.76
CA SER A 222 14.39 -0.54 -2.17
CA SER A 222 14.39 -0.53 -2.18
C SER A 222 14.72 -0.58 -3.66
N MET A 223 13.97 0.17 -4.48
CA MET A 223 14.21 0.15 -5.92
C MET A 223 15.41 1.00 -6.31
N ILE A 224 15.50 2.24 -5.81
CA ILE A 224 16.60 3.07 -6.30
C ILE A 224 17.93 2.65 -5.68
N PHE A 225 17.92 2.06 -4.50
CA PHE A 225 19.15 1.64 -3.84
C PHE A 225 19.45 0.16 -4.04
N ARG A 226 18.52 -0.59 -4.61
CA ARG A 226 18.73 -2.02 -4.89
C ARG A 226 19.00 -2.77 -3.59
N LYS A 227 18.11 -2.58 -2.62
CA LYS A 227 18.17 -3.27 -1.33
C LYS A 227 16.73 -3.56 -0.94
N GLU A 228 16.30 -4.81 -1.11
CA GLU A 228 14.90 -5.17 -0.91
C GLU A 228 14.80 -6.25 0.16
N PRO A 229 14.10 -5.99 1.29
CA PRO A 229 13.47 -4.71 1.60
C PRO A 229 14.50 -3.72 2.14
N PHE A 230 14.16 -2.44 2.16
CA PHE A 230 15.13 -1.44 2.60
C PHE A 230 15.29 -1.51 4.12
N PHE A 231 14.21 -1.32 4.86
CA PHE A 231 14.22 -1.44 6.33
C PHE A 231 13.89 -2.88 6.70
N HIS A 232 14.90 -3.66 7.05
CA HIS A 232 14.77 -5.12 7.10
C HIS A 232 14.78 -5.59 8.55
N GLY A 233 13.67 -5.32 9.25
CA GLY A 233 13.59 -5.65 10.66
C GLY A 233 13.26 -7.12 10.88
N HIS A 234 13.74 -7.65 12.00
CA HIS A 234 13.45 -9.05 12.30
C HIS A 234 12.15 -9.24 13.07
N ASP A 235 11.59 -8.16 13.61
CA ASP A 235 10.27 -8.16 14.22
C ASP A 235 9.82 -6.70 14.24
N ASN A 236 8.64 -6.44 14.83
CA ASN A 236 8.10 -5.09 14.77
C ASN A 236 8.89 -4.10 15.62
N TYR A 237 9.59 -4.57 16.65
CA TYR A 237 10.41 -3.68 17.46
C TYR A 237 11.70 -3.33 16.73
N ASP A 238 12.38 -4.35 16.22
CA ASP A 238 13.58 -4.12 15.42
C ASP A 238 13.28 -3.28 14.18
N GLN A 239 12.07 -3.40 13.63
CA GLN A 239 11.70 -2.59 12.47
C GLN A 239 11.84 -1.11 12.79
N LEU A 240 11.35 -0.68 13.95
CA LEU A 240 11.48 0.73 14.31
C LEU A 240 12.94 1.10 14.56
N VAL A 241 13.73 0.18 15.14
CA VAL A 241 15.15 0.46 15.32
C VAL A 241 15.84 0.65 13.98
N ARG A 242 15.51 -0.19 12.99
CA ARG A 242 16.14 -0.03 11.67
C ARG A 242 15.80 1.31 11.07
N ILE A 243 14.56 1.75 11.24
CA ILE A 243 14.17 3.08 10.76
C ILE A 243 14.95 4.16 11.49
N ALA A 244 15.03 4.04 12.82
CA ALA A 244 15.73 5.06 13.61
C ALA A 244 17.22 5.13 13.29
N LYS A 245 17.83 4.04 12.83
CA LYS A 245 19.24 4.13 12.44
C LYS A 245 19.44 4.95 11.18
N VAL A 246 18.39 5.26 10.44
CA VAL A 246 18.47 6.08 9.24
C VAL A 246 17.90 7.48 9.49
N LEU A 247 16.69 7.56 10.04
CA LEU A 247 16.07 8.86 10.29
CA LEU A 247 16.06 8.85 10.31
C LEU A 247 16.51 9.48 11.61
N GLY A 248 17.16 8.72 12.49
CA GLY A 248 17.70 9.27 13.73
C GLY A 248 16.73 9.17 14.88
N THR A 249 17.28 9.11 16.09
CA THR A 249 16.42 8.98 17.25
C THR A 249 15.86 10.32 17.73
N GLU A 250 16.55 11.44 17.50
CA GLU A 250 16.02 12.70 18.01
C GLU A 250 14.72 13.07 17.33
N ASP A 251 14.62 12.84 16.01
CA ASP A 251 13.36 13.13 15.34
C ASP A 251 12.27 12.11 15.65
N LEU A 252 12.64 10.87 16.03
CA LEU A 252 11.65 9.95 16.54
C LEU A 252 11.06 10.47 17.84
N TYR A 253 11.91 10.99 18.73
CA TYR A 253 11.40 11.55 19.96
C TYR A 253 10.58 12.80 19.69
N ASP A 254 10.99 13.63 18.71
CA ASP A 254 10.15 14.76 18.35
C ASP A 254 8.75 14.31 17.93
N TYR A 255 8.68 13.23 17.14
CA TYR A 255 7.42 12.69 16.65
C TYR A 255 6.53 12.26 17.79
N ILE A 256 7.05 11.39 18.67
CA ILE A 256 6.18 10.91 19.73
C ILE A 256 5.85 12.02 20.72
N ASP A 257 6.75 13.00 20.90
CA ASP A 257 6.46 14.11 21.80
C ASP A 257 5.37 15.00 21.21
N LYS A 258 5.36 15.19 19.89
CA LYS A 258 4.32 15.99 19.27
C LYS A 258 2.93 15.42 19.56
N TYR A 259 2.80 14.10 19.50
CA TYR A 259 1.51 13.47 19.69
C TYR A 259 1.31 12.96 21.12
N ASN A 260 2.24 13.31 22.02
CA ASN A 260 2.18 12.92 23.43
C ASN A 260 2.00 11.41 23.58
N ILE A 261 2.83 10.68 22.79
CA ILE A 261 2.94 9.21 22.70
C ILE A 261 4.13 8.78 23.55
N GLU A 262 4.02 7.61 24.19
CA GLU A 262 5.14 6.97 24.88
C GLU A 262 5.62 5.76 24.11
N LEU A 263 6.93 5.61 23.97
CA LEU A 263 7.45 4.37 23.41
C LEU A 263 7.26 3.21 24.37
N ASP A 264 7.10 2.02 23.81
CA ASP A 264 7.17 0.79 24.58
C ASP A 264 8.46 0.78 25.40
N PRO A 265 8.38 0.56 26.71
CA PRO A 265 9.63 0.54 27.50
C PRO A 265 10.59 -0.53 27.04
N ARG A 266 10.14 -1.51 26.26
CA ARG A 266 11.11 -2.50 25.80
C ARG A 266 12.11 -1.90 24.82
N PHE A 267 11.86 -0.71 24.28
CA PHE A 267 12.87 -0.02 23.47
C PHE A 267 14.01 0.54 24.29
N ASN A 268 13.89 0.59 25.62
CA ASN A 268 14.93 1.22 26.43
C ASN A 268 16.28 0.54 26.23
N ASP A 269 16.29 -0.77 25.97
CA ASP A 269 17.53 -1.51 25.83
C ASP A 269 17.98 -1.73 24.39
N ILE A 270 17.16 -1.39 23.39
CA ILE A 270 17.48 -1.74 22.02
C ILE A 270 17.56 -0.54 21.09
N LEU A 271 17.03 0.63 21.47
CA LEU A 271 16.89 1.72 20.50
C LEU A 271 18.19 2.49 20.29
N GLY A 272 18.95 2.72 21.34
CA GLY A 272 20.19 3.46 21.21
C GLY A 272 19.97 4.93 20.84
N ARG A 273 21.09 5.59 20.49
CA ARG A 273 21.08 6.95 19.98
C ARG A 273 21.69 6.96 18.59
N HIS A 274 21.00 7.57 17.63
CA HIS A 274 21.41 7.54 16.24
C HIS A 274 21.19 8.89 15.60
N SER A 275 22.22 9.40 14.95
CA SER A 275 22.06 10.60 14.14
C SER A 275 21.21 10.30 12.92
N ARG A 276 20.56 11.35 12.39
CA ARG A 276 19.92 11.23 11.08
C ARG A 276 20.99 11.14 9.99
N LYS A 277 20.77 10.28 9.01
CA LYS A 277 21.76 10.03 7.96
C LYS A 277 21.42 10.84 6.71
N ARG A 278 22.43 11.04 5.87
CA ARG A 278 22.19 11.60 4.54
C ARG A 278 22.00 10.45 3.55
N TRP A 279 21.07 10.63 2.63
CA TRP A 279 20.71 9.52 1.75
C TRP A 279 21.85 9.10 0.83
N GLU A 280 22.82 10.00 0.60
CA GLU A 280 23.95 9.68 -0.27
C GLU A 280 24.76 8.49 0.24
N ARG A 281 24.68 8.17 1.52
CA ARG A 281 25.47 7.04 2.01
C ARG A 281 25.01 5.70 1.42
N PHE A 282 23.78 5.63 0.91
CA PHE A 282 23.30 4.38 0.36
C PHE A 282 23.58 4.24 -1.13
N VAL A 283 24.17 5.25 -1.75
CA VAL A 283 24.50 5.22 -3.17
C VAL A 283 25.85 4.55 -3.34
N HIS A 284 25.94 3.65 -4.32
CA HIS A 284 27.21 3.02 -4.66
C HIS A 284 27.24 2.75 -6.15
N SER A 285 28.35 2.17 -6.61
CA SER A 285 28.54 2.03 -8.05
C SER A 285 27.48 1.15 -8.71
N GLU A 286 26.83 0.27 -7.96
CA GLU A 286 25.87 -0.65 -8.56
C GLU A 286 24.43 -0.17 -8.51
N ASN A 287 24.17 0.97 -7.87
CA ASN A 287 22.84 1.57 -7.94
C ASN A 287 22.83 3.02 -8.40
N GLN A 288 23.99 3.62 -8.70
CA GLN A 288 23.98 5.06 -8.92
C GLN A 288 23.23 5.46 -10.19
N HIS A 289 23.07 4.54 -11.14
CA HIS A 289 22.29 4.82 -12.34
C HIS A 289 20.80 4.97 -12.04
N LEU A 290 20.35 4.58 -10.85
CA LEU A 290 18.96 4.73 -10.45
C LEU A 290 18.75 5.92 -9.52
N VAL A 291 19.83 6.62 -9.14
CA VAL A 291 19.78 7.69 -8.15
C VAL A 291 20.05 9.01 -8.85
N SER A 292 19.33 10.04 -8.44
CA SER A 292 19.49 11.41 -8.89
C SER A 292 19.18 12.31 -7.72
N PRO A 293 19.58 13.58 -7.76
CA PRO A 293 19.17 14.50 -6.69
C PRO A 293 17.67 14.55 -6.52
N GLU A 294 16.93 14.49 -7.63
CA GLU A 294 15.47 14.47 -7.58
C GLU A 294 14.95 13.24 -6.85
N ALA A 295 15.55 12.07 -7.11
CA ALA A 295 15.10 10.85 -6.44
C ALA A 295 15.30 10.93 -4.94
N LEU A 296 16.47 11.44 -4.51
CA LEU A 296 16.75 11.50 -3.10
C LEU A 296 15.86 12.51 -2.39
N ASP A 297 15.60 13.66 -3.03
CA ASP A 297 14.70 14.63 -2.43
C ASP A 297 13.29 14.09 -2.31
N PHE A 298 12.80 13.45 -3.37
CA PHE A 298 11.48 12.82 -3.31
C PHE A 298 11.41 11.77 -2.21
N LEU A 299 12.40 10.88 -2.16
CA LEU A 299 12.43 9.86 -1.11
C LEU A 299 12.41 10.50 0.27
N ASP A 300 13.25 11.52 0.45
CA ASP A 300 13.36 12.23 1.73
C ASP A 300 12.03 12.83 2.17
N LYS A 301 11.18 13.23 1.21
CA LYS A 301 9.90 13.84 1.54
C LYS A 301 8.77 12.83 1.75
N LEU A 302 8.96 11.58 1.37
CA LEU A 302 8.04 10.50 1.72
C LEU A 302 8.36 9.92 3.09
N LEU A 303 9.64 9.68 3.38
CA LEU A 303 10.01 8.97 4.60
C LEU A 303 10.22 9.96 5.74
N ARG A 304 9.10 10.45 6.28
CA ARG A 304 9.10 11.28 7.48
C ARG A 304 8.45 10.50 8.60
N TYR A 305 8.99 10.61 9.82
CA TYR A 305 8.30 10.03 10.97
C TYR A 305 6.88 10.58 11.08
N ASP A 306 6.76 11.91 11.05
CA ASP A 306 5.47 12.56 11.24
C ASP A 306 4.59 12.33 10.02
N HIS A 307 3.52 11.55 10.19
CA HIS A 307 2.62 11.30 9.08
C HIS A 307 2.07 12.59 8.49
N GLN A 308 1.93 13.64 9.31
CA GLN A 308 1.42 14.91 8.82
C GLN A 308 2.42 15.67 7.95
N SER A 309 3.68 15.25 7.91
CA SER A 309 4.72 15.95 7.14
C SER A 309 5.02 15.29 5.82
N ARG A 310 4.50 14.10 5.57
CA ARG A 310 4.78 13.40 4.31
C ARG A 310 4.06 14.07 3.14
N LEU A 311 4.69 13.99 1.96
CA LEU A 311 3.99 14.36 0.73
C LEU A 311 2.66 13.62 0.63
N THR A 312 1.63 14.33 0.18
CA THR A 312 0.44 13.64 -0.26
C THR A 312 0.68 13.04 -1.63
N ALA A 313 -0.21 12.14 -2.05
CA ALA A 313 -0.04 11.54 -3.37
C ALA A 313 -0.04 12.59 -4.47
N ARG A 314 -0.94 13.58 -4.39
CA ARG A 314 -0.98 14.64 -5.39
C ARG A 314 0.29 15.48 -5.36
N GLU A 315 0.75 15.86 -4.16
CA GLU A 315 2.00 16.60 -4.07
C GLU A 315 3.14 15.80 -4.65
N ALA A 316 3.17 14.49 -4.37
CA ALA A 316 4.20 13.65 -4.93
C ALA A 316 4.21 13.69 -6.45
N MET A 317 3.02 13.68 -7.07
CA MET A 317 2.97 13.72 -8.53
CA MET A 317 2.93 13.73 -8.53
C MET A 317 3.43 15.05 -9.10
N GLU A 318 3.50 16.11 -8.28
CA GLU A 318 4.06 17.39 -8.71
C GLU A 318 5.59 17.44 -8.58
N HIS A 319 6.22 16.40 -8.04
CA HIS A 319 7.64 16.50 -7.68
C HIS A 319 8.52 16.45 -8.93
N PRO A 320 9.62 17.20 -8.95
CA PRO A 320 10.52 17.19 -10.12
C PRO A 320 11.04 15.82 -10.54
N TYR A 321 11.08 14.84 -9.64
CA TYR A 321 11.47 13.48 -10.00
C TYR A 321 10.68 12.97 -11.20
N PHE A 322 9.45 13.42 -11.37
CA PHE A 322 8.58 12.93 -12.44
C PHE A 322 8.61 13.80 -13.68
N TYR A 323 9.47 14.82 -13.70
CA TYR A 323 9.52 15.68 -14.88
C TYR A 323 9.96 14.91 -16.13
N THR A 324 10.81 13.88 -15.97
CA THR A 324 11.28 13.16 -17.16
C THR A 324 10.28 12.12 -17.65
N VAL A 325 9.26 11.80 -16.85
CA VAL A 325 8.27 10.81 -17.26
C VAL A 325 7.37 11.40 -18.33
N VAL A 326 7.22 10.67 -19.44
CA VAL A 326 6.36 11.14 -20.52
C VAL A 326 4.92 11.10 -20.07
N LYS A 327 4.21 12.22 -20.20
CA LYS A 327 2.80 12.31 -19.90
C LYS A 327 2.07 12.72 -21.16
N ASP A 328 1.11 11.89 -21.60
CA ASP A 328 0.34 12.21 -22.80
C ASP A 328 -0.94 12.97 -22.45
S SO4 B . 10.37 13.92 10.43
O1 SO4 B . 9.24 13.58 11.27
O2 SO4 B . 10.93 12.76 9.72
O3 SO4 B . 9.99 14.99 9.48
O4 SO4 B . 11.42 14.46 11.32
S SO4 C . -8.85 -4.53 10.43
O1 SO4 C . -8.32 -5.32 9.32
O2 SO4 C . -8.28 -5.01 11.69
O3 SO4 C . -8.52 -3.13 10.28
O4 SO4 C . -10.31 -4.68 10.47
C13 A1IYZ D . -4.86 -10.89 -3.57
C15 A1IYZ D . -6.27 -9.18 -4.92
C18 A1IYZ D . -3.51 -12.53 -2.43
C19 A1IYZ D . -3.92 -13.70 -1.78
C20 A1IYZ D . -3.06 -14.74 -1.74
C22 A1IYZ D . -1.43 -13.47 -2.90
C01 A1IYZ D . -2.06 -12.59 -11.80
C03 A1IYZ D . -3.48 -11.02 -10.71
C04 A1IYZ D . -4.63 -10.26 -10.82
C06 A1IYZ D . -5.35 -9.92 -9.69
C07 A1IYZ D . -4.89 -10.32 -8.47
C08 A1IYZ D . -3.76 -11.06 -8.33
C09 A1IYZ D . -3.03 -11.42 -9.49
C10 A1IYZ D . -5.76 -9.87 -7.27
C11 A1IYZ D . -5.53 -10.11 -5.97
C21 A1IYZ D . -1.83 -14.66 -2.27
C23 A1IYZ D . -2.29 -12.42 -2.95
N14 A1IYZ D . -5.85 -9.68 -3.44
N17 A1IYZ D . -4.39 -11.45 -2.46
O02 A1IYZ D . -2.76 -11.36 -11.88
O05 A1IYZ D . -5.11 -9.83 -12.11
O16 A1IYZ D . -6.96 -8.32 -5.17
S12 A1IYZ D . -4.63 -11.24 -5.19
CL24 A1IYZ D . -3.62 -16.21 -0.97
S SO4 E . 1.45 -7.68 12.68
O1 SO4 E . 0.76 -8.95 12.92
O2 SO4 E . 1.37 -6.84 13.87
O3 SO4 E . 2.85 -7.96 12.37
O4 SO4 E . 0.82 -6.99 11.54
C1 EDO F . 19.37 0.04 5.07
O1 EDO F . 20.58 0.06 5.84
C2 EDO F . 18.21 0.59 5.89
O2 EDO F . 17.96 -0.28 6.99
S SO4 G . -15.74 -7.68 14.96
O1 SO4 G . -15.99 -9.12 14.95
O2 SO4 G . -15.85 -7.18 16.34
O3 SO4 G . -14.38 -7.44 14.47
O4 SO4 G . -16.71 -7.00 14.12
#